data_6CNH
#
_entry.id   6CNH
#
_cell.length_a   85.169
_cell.length_b   75.661
_cell.length_c   68.075
_cell.angle_alpha   90.00
_cell.angle_beta   92.82
_cell.angle_gamma   90.00
#
_symmetry.space_group_name_H-M   'C 1 2 1'
#
loop_
_entity.id
_entity.type
_entity.pdbx_description
1 polymer 'Serine/threonine-protein kinase PRP4 homolog'
2 non-polymer 4-[4-({[3-tert-butyl-1-(quinolin-6-yl)-1H-pyrazol-5-yl]carbamoyl}amino)-3-fluorophenoxy]-N-methylpyridine-2-carboxamide
3 non-polymer 'SULFATE ION'
4 water water
#
_entity_poly.entity_id   1
_entity_poly.type   'polypeptide(L)'
_entity_poly.pdbx_seq_one_letter_code
;SMDFKENPNLRDNWTDAEGYYRVNIGEVLDKRYNVYGYTGQGVFSNVVRARDNARANQEVAVKIIRNNELMQKTGLKELE
FLKKLNDADPDDKFHCLRLLRHFYHKQHLCLVFEPLSMNLREVLKKYGKDVGLHIKAVRSYSQQLFLALKLLKRCNILHA
DIKPDNILVNESKTILKLCDFGSASHVADNDITPYLFSRFYRAPEIIIGKSYDYGIDMWSVGCTLYELYTGKILFPGKTN
NHMLKLAMDLKGKMPNKMIRKGVFKDQHFDQNLNFMYIEVDKVTEREKVTVMSTINPTKDLLADLIGCQRLPEDQRKKVH
QLKDLLDQILMLDPAKRISINQALQHAFIQE
;
_entity_poly.pdbx_strand_id   A
#
# COMPACT_ATOMS: atom_id res chain seq x y z
N SER A 1 -0.98 -3.52 9.49
CA SER A 1 -2.25 -2.80 9.79
C SER A 1 -2.38 -2.55 11.30
N MET A 2 -3.08 -1.47 11.64
CA MET A 2 -3.26 -1.08 13.05
C MET A 2 -4.66 -0.51 13.32
N ASP A 3 -5.09 -0.66 14.58
CA ASP A 3 -6.38 -0.17 15.02
C ASP A 3 -6.25 1.33 15.22
N PHE A 4 -7.19 2.10 14.69
CA PHE A 4 -7.20 3.54 14.91
C PHE A 4 -8.03 3.86 16.16
N TRP A 14 16.44 -13.91 19.99
CA TRP A 14 16.15 -14.83 18.90
C TRP A 14 14.78 -15.55 18.95
N THR A 15 14.13 -15.60 20.11
CA THR A 15 12.87 -16.36 20.26
C THR A 15 11.66 -15.80 19.48
N ASP A 16 11.76 -14.56 18.99
CA ASP A 16 10.76 -13.98 18.08
C ASP A 16 10.87 -14.46 16.63
N ALA A 17 11.95 -15.15 16.29
CA ALA A 17 12.14 -15.70 14.94
C ALA A 17 12.12 -17.23 14.90
N GLU A 18 12.01 -17.88 16.05
CA GLU A 18 12.05 -19.33 16.11
C GLU A 18 10.74 -19.96 15.65
N GLY A 19 10.82 -21.24 15.31
CA GLY A 19 9.64 -22.04 14.96
C GLY A 19 9.13 -21.90 13.55
N TYR A 20 10.02 -21.76 12.58
CA TYR A 20 9.63 -21.85 11.17
C TYR A 20 9.26 -23.28 10.84
N TYR A 21 8.27 -23.45 9.95
CA TYR A 21 7.88 -24.78 9.47
C TYR A 21 7.95 -24.83 7.95
N ARG A 22 8.75 -25.75 7.42
CA ARG A 22 8.79 -26.02 5.99
C ARG A 22 7.73 -27.06 5.70
N VAL A 23 6.70 -26.66 4.94
CA VAL A 23 5.67 -27.61 4.52
C VAL A 23 6.17 -28.26 3.24
N ASN A 24 6.10 -29.59 3.18
CA ASN A 24 6.52 -30.32 2.00
C ASN A 24 5.46 -30.24 0.93
N ILE A 25 5.89 -30.20 -0.33
CA ILE A 25 4.98 -30.42 -1.45
C ILE A 25 4.40 -31.83 -1.29
N GLY A 26 3.08 -31.95 -1.44
CA GLY A 26 2.37 -33.21 -1.24
C GLY A 26 1.84 -33.43 0.16
N GLU A 27 2.26 -32.62 1.13
CA GLU A 27 1.73 -32.68 2.51
C GLU A 27 0.25 -32.26 2.47
N VAL A 28 -0.58 -32.94 3.27
CA VAL A 28 -1.98 -32.54 3.43
C VAL A 28 -2.14 -31.89 4.79
N LEU A 29 -2.72 -30.69 4.83
CA LEU A 29 -2.95 -29.95 6.07
C LEU A 29 -4.43 -29.99 6.46
N ASP A 30 -4.72 -30.10 7.76
CA ASP A 30 -6.08 -30.09 8.28
C ASP A 30 -6.98 -31.16 7.62
N LYS A 31 -6.35 -32.25 7.17
CA LYS A 31 -7.00 -33.34 6.43
C LYS A 31 -7.81 -32.88 5.21
N ARG A 32 -7.34 -31.84 4.53
CA ARG A 32 -8.07 -31.31 3.37
C ARG A 32 -7.23 -30.53 2.35
N TYR A 33 -6.20 -29.80 2.81
CA TYR A 33 -5.44 -28.92 1.91
C TYR A 33 -4.22 -29.65 1.38
N ASN A 34 -4.29 -30.00 0.10
CA ASN A 34 -3.21 -30.69 -0.59
C ASN A 34 -2.24 -29.63 -1.13
N VAL A 35 -1.09 -29.50 -0.48
CA VAL A 35 -0.10 -28.46 -0.82
C VAL A 35 0.64 -28.88 -2.08
N TYR A 36 0.53 -28.07 -3.12
CA TYR A 36 1.14 -28.39 -4.41
C TYR A 36 2.17 -27.36 -4.91
N GLY A 37 2.40 -26.27 -4.19
CA GLY A 37 3.33 -25.24 -4.64
C GLY A 37 3.59 -24.13 -3.64
N TYR A 38 4.77 -23.52 -3.77
CA TYR A 38 5.13 -22.36 -2.96
C TYR A 38 4.62 -21.14 -3.72
N THR A 39 4.57 -20.00 -3.04
CA THR A 39 4.30 -18.72 -3.69
C THR A 39 5.53 -17.79 -3.71
N GLY A 40 6.31 -17.80 -2.63
CA GLY A 40 7.42 -16.84 -2.41
C GLY A 40 7.02 -15.64 -1.56
N GLN A 41 5.71 -15.43 -1.38
CA GLN A 41 5.18 -14.26 -0.69
C GLN A 41 5.22 -14.51 0.82
N GLY A 42 5.07 -13.43 1.57
CA GLY A 42 5.22 -13.48 3.03
C GLY A 42 6.67 -13.21 3.43
N VAL A 43 6.83 -12.55 4.58
CA VAL A 43 8.15 -12.16 5.09
C VAL A 43 8.67 -13.23 6.06
N PHE A 44 7.92 -13.48 7.13
CA PHE A 44 8.32 -14.46 8.16
C PHE A 44 7.66 -15.84 8.00
N SER A 45 6.50 -15.90 7.35
CA SER A 45 5.78 -17.19 7.21
C SER A 45 5.79 -17.76 5.80
N ASN A 46 5.67 -19.09 5.71
CA ASN A 46 5.57 -19.70 4.39
CA ASN A 46 5.55 -19.81 4.45
C ASN A 46 4.11 -19.63 3.95
N VAL A 47 3.94 -19.13 2.73
CA VAL A 47 2.63 -19.05 2.12
C VAL A 47 2.66 -20.05 0.98
N VAL A 48 1.76 -21.02 1.03
CA VAL A 48 1.72 -22.07 0.01
C VAL A 48 0.41 -22.10 -0.75
N ARG A 49 0.45 -22.76 -1.89
CA ARG A 49 -0.71 -22.98 -2.73
C ARG A 49 -1.20 -24.38 -2.43
N ALA A 50 -2.51 -24.51 -2.27
CA ALA A 50 -3.11 -25.81 -2.01
C ALA A 50 -4.46 -25.94 -2.68
N ARG A 51 -4.88 -27.19 -2.87
CA ARG A 51 -6.23 -27.51 -3.31
C ARG A 51 -7.02 -27.98 -2.09
N ASP A 52 -8.22 -27.44 -1.92
CA ASP A 52 -9.07 -27.86 -0.82
C ASP A 52 -9.85 -29.12 -1.21
N ASN A 53 -9.36 -30.28 -0.79
CA ASN A 53 -10.04 -31.57 -1.07
C ASN A 53 -11.48 -31.63 -0.54
N ALA A 54 -11.78 -30.86 0.51
CA ALA A 54 -13.12 -30.79 1.10
C ALA A 54 -14.10 -29.85 0.41
N ARG A 55 -13.63 -29.04 -0.54
CA ARG A 55 -14.47 -28.07 -1.26
C ARG A 55 -14.13 -28.10 -2.76
N ALA A 56 -14.33 -29.28 -3.36
CA ALA A 56 -14.24 -29.45 -4.83
C ALA A 56 -12.88 -29.11 -5.41
N ASN A 57 -11.81 -29.37 -4.64
CA ASN A 57 -10.45 -29.05 -5.04
C ASN A 57 -10.21 -27.59 -5.42
N GLN A 58 -10.99 -26.68 -4.84
CA GLN A 58 -10.80 -25.26 -5.09
C GLN A 58 -9.42 -24.79 -4.55
N GLU A 59 -8.84 -23.85 -5.29
CA GLU A 59 -7.50 -23.34 -5.00
C GLU A 59 -7.59 -22.39 -3.79
N VAL A 60 -6.63 -22.48 -2.89
CA VAL A 60 -6.50 -21.56 -1.77
C VAL A 60 -5.01 -21.25 -1.56
N ALA A 61 -4.76 -20.21 -0.79
CA ALA A 61 -3.43 -19.91 -0.30
C ALA A 61 -3.47 -20.13 1.20
N VAL A 62 -2.46 -20.78 1.75
CA VAL A 62 -2.37 -21.00 3.19
C VAL A 62 -1.10 -20.34 3.72
N LYS A 63 -1.24 -19.45 4.69
CA LYS A 63 -0.10 -18.90 5.41
C LYS A 63 0.15 -19.69 6.69
N ILE A 64 1.36 -20.24 6.84
CA ILE A 64 1.74 -20.99 8.03
C ILE A 64 2.64 -20.07 8.86
N ILE A 65 2.10 -19.61 9.98
CA ILE A 65 2.77 -18.67 10.89
C ILE A 65 3.74 -19.43 11.79
N ARG A 66 4.86 -18.79 12.11
CA ARG A 66 5.89 -19.42 12.95
C ARG A 66 5.38 -19.71 14.34
N ASN A 67 5.87 -20.80 14.92
CA ASN A 67 5.49 -21.18 16.28
C ASN A 67 6.37 -20.47 17.31
N ASN A 68 6.02 -19.23 17.60
CA ASN A 68 6.58 -18.51 18.76
C ASN A 68 5.53 -17.54 19.29
N GLU A 69 5.76 -17.03 20.49
CA GLU A 69 4.78 -16.20 21.22
C GLU A 69 4.39 -14.94 20.45
N LEU A 70 5.38 -14.14 20.04
CA LEU A 70 5.12 -12.89 19.33
C LEU A 70 4.30 -13.09 18.04
N MET A 71 4.72 -14.03 17.19
CA MET A 71 4.05 -14.23 15.89
C MET A 71 2.71 -14.93 16.01
N GLN A 72 2.54 -15.76 17.03
CA GLN A 72 1.24 -16.33 17.39
C GLN A 72 0.23 -15.23 17.72
N LYS A 73 0.59 -14.35 18.64
CA LYS A 73 -0.27 -13.21 19.03
C LYS A 73 -0.54 -12.27 17.84
N THR A 74 0.51 -11.97 17.09
CA THR A 74 0.38 -11.17 15.87
C THR A 74 -0.59 -11.84 14.86
N GLY A 75 -0.47 -13.16 14.71
CA GLY A 75 -1.38 -13.93 13.85
C GLY A 75 -2.83 -13.80 14.25
N LEU A 76 -3.09 -13.90 15.56
CA LEU A 76 -4.42 -13.70 16.14
C LEU A 76 -4.98 -12.31 15.85
N LYS A 77 -4.16 -11.27 15.99
CA LYS A 77 -4.57 -9.90 15.61
C LYS A 77 -4.92 -9.82 14.13
N GLU A 78 -4.09 -10.41 13.28
CA GLU A 78 -4.36 -10.44 11.83
C GLU A 78 -5.72 -11.09 11.57
N LEU A 79 -5.94 -12.24 12.19
CA LEU A 79 -7.22 -12.94 12.11
C LEU A 79 -8.41 -12.05 12.51
N GLU A 80 -8.26 -11.30 13.60
CA GLU A 80 -9.31 -10.38 14.07
C GLU A 80 -9.61 -9.25 13.09
N PHE A 81 -8.57 -8.64 12.54
CA PHE A 81 -8.73 -7.58 11.51
C PHE A 81 -9.50 -8.09 10.30
N LEU A 82 -9.10 -9.26 9.78
CA LEU A 82 -9.70 -9.86 8.59
C LEU A 82 -11.16 -10.28 8.79
N LYS A 83 -11.46 -10.87 9.95
CA LYS A 83 -12.85 -11.20 10.29
C LYS A 83 -13.72 -9.93 10.38
N LYS A 84 -13.20 -8.86 10.97
CA LYS A 84 -13.92 -7.59 11.02
C LYS A 84 -14.21 -7.02 9.63
N LEU A 85 -13.21 -7.04 8.74
CA LEU A 85 -13.45 -6.61 7.36
C LEU A 85 -14.37 -7.56 6.59
N ASN A 86 -14.22 -8.87 6.81
CA ASN A 86 -15.09 -9.87 6.21
C ASN A 86 -16.56 -9.64 6.58
N ASP A 87 -16.83 -9.39 7.86
CA ASP A 87 -18.18 -9.15 8.35
C ASP A 87 -18.75 -7.80 7.90
N ALA A 88 -17.92 -6.76 7.87
CA ALA A 88 -18.35 -5.45 7.39
C ALA A 88 -18.67 -5.45 5.89
N ASP A 89 -18.07 -6.37 5.13
CA ASP A 89 -18.21 -6.44 3.68
C ASP A 89 -18.58 -7.86 3.26
N PRO A 90 -19.80 -8.31 3.63
CA PRO A 90 -20.19 -9.71 3.38
C PRO A 90 -20.22 -10.11 1.89
N ASP A 91 -20.55 -9.17 1.00
CA ASP A 91 -20.55 -9.43 -0.45
C ASP A 91 -19.21 -9.17 -1.19
N ASP A 92 -18.16 -8.77 -0.45
CA ASP A 92 -16.83 -8.51 -1.02
C ASP A 92 -16.88 -7.51 -2.18
N LYS A 93 -17.39 -6.32 -1.89
CA LYS A 93 -17.44 -5.22 -2.84
C LYS A 93 -16.32 -4.17 -2.64
N PHE A 94 -15.56 -4.26 -1.53
CA PHE A 94 -14.61 -3.21 -1.17
C PHE A 94 -13.12 -3.58 -1.22
N HIS A 95 -12.79 -4.67 -1.90
CA HIS A 95 -11.43 -4.89 -2.41
C HIS A 95 -10.34 -5.07 -1.36
N CYS A 96 -10.72 -5.69 -0.25
CA CYS A 96 -9.74 -6.22 0.70
C CYS A 96 -9.68 -7.75 0.56
N LEU A 97 -8.51 -8.31 0.85
CA LEU A 97 -8.29 -9.74 0.78
C LEU A 97 -9.26 -10.49 1.69
N ARG A 98 -9.78 -11.62 1.21
CA ARG A 98 -10.69 -12.48 1.99
C ARG A 98 -9.94 -13.65 2.61
N LEU A 99 -10.03 -13.70 3.93
CA LEU A 99 -9.71 -14.87 4.72
C LEU A 99 -10.91 -15.81 4.72
N LEU A 100 -10.66 -17.08 4.39
CA LEU A 100 -11.70 -18.10 4.35
C LEU A 100 -11.94 -18.75 5.72
N ARG A 101 -10.87 -19.14 6.39
CA ARG A 101 -10.92 -19.78 7.71
C ARG A 101 -9.48 -19.92 8.23
N HIS A 102 -9.34 -20.54 9.42
CA HIS A 102 -8.03 -20.84 9.98
C HIS A 102 -8.02 -22.20 10.65
N PHE A 103 -6.83 -22.75 10.83
CA PHE A 103 -6.67 -23.99 11.56
C PHE A 103 -5.26 -24.00 12.18
N TYR A 104 -4.99 -25.03 12.97
CA TYR A 104 -3.67 -25.24 13.55
C TYR A 104 -3.02 -26.49 13.00
N HIS A 105 -1.71 -26.42 12.83
CA HIS A 105 -0.94 -27.57 12.38
C HIS A 105 0.43 -27.54 13.02
N LYS A 106 0.72 -28.53 13.86
CA LYS A 106 2.01 -28.63 14.57
C LYS A 106 2.37 -27.35 15.32
N GLN A 107 1.38 -26.80 16.00
CA GLN A 107 1.48 -25.57 16.79
C GLN A 107 1.56 -24.25 15.99
N HIS A 108 1.42 -24.33 14.67
CA HIS A 108 1.41 -23.15 13.80
C HIS A 108 -0.04 -22.76 13.52
N LEU A 109 -0.37 -21.51 13.78
CA LEU A 109 -1.60 -20.92 13.30
C LEU A 109 -1.50 -20.82 11.77
N CYS A 110 -2.55 -21.30 11.08
CA CYS A 110 -2.57 -21.35 9.62
C CYS A 110 -3.80 -20.58 9.12
N LEU A 111 -3.59 -19.61 8.25
CA LEU A 111 -4.66 -18.79 7.74
C LEU A 111 -4.89 -19.16 6.26
N VAL A 112 -6.16 -19.36 5.88
CA VAL A 112 -6.53 -19.81 4.55
C VAL A 112 -7.21 -18.63 3.83
N PHE A 113 -6.69 -18.30 2.65
CA PHE A 113 -7.13 -17.12 1.90
C PHE A 113 -7.60 -17.52 0.52
N GLU A 114 -8.48 -16.69 -0.06
CA GLU A 114 -8.75 -16.74 -1.50
C GLU A 114 -7.43 -16.67 -2.29
N PRO A 115 -7.33 -17.42 -3.39
CA PRO A 115 -6.10 -17.37 -4.16
C PRO A 115 -6.05 -16.13 -5.08
N LEU A 116 -4.88 -15.55 -5.21
CA LEU A 116 -4.68 -14.47 -6.17
C LEU A 116 -3.40 -14.74 -6.95
N SER A 117 -3.20 -14.00 -8.03
CA SER A 117 -2.17 -14.34 -9.02
C SER A 117 -0.81 -13.75 -8.69
N MET A 118 -0.75 -12.42 -8.56
CA MET A 118 0.51 -11.69 -8.35
C MET A 118 0.28 -10.35 -7.65
N ASN A 119 1.33 -9.79 -7.11
CA ASN A 119 1.26 -8.43 -6.56
C ASN A 119 1.51 -7.39 -7.67
N LEU A 120 1.19 -6.14 -7.39
CA LEU A 120 1.35 -5.07 -8.40
C LEU A 120 2.79 -4.67 -8.67
N ARG A 121 3.71 -4.95 -7.75
CA ARG A 121 5.14 -4.80 -8.04
C ARG A 121 5.55 -5.72 -9.19
N GLU A 122 5.13 -6.98 -9.13
CA GLU A 122 5.43 -7.96 -10.17
C GLU A 122 4.78 -7.57 -11.51
N VAL A 123 3.54 -7.06 -11.45
CA VAL A 123 2.86 -6.63 -12.66
C VAL A 123 3.65 -5.48 -13.30
N LEU A 124 4.08 -4.50 -12.50
CA LEU A 124 4.92 -3.41 -13.02
C LEU A 124 6.24 -3.89 -13.62
N LYS A 125 6.91 -4.84 -12.96
CA LYS A 125 8.13 -5.39 -13.52
C LYS A 125 7.90 -6.00 -14.91
N LYS A 126 6.79 -6.73 -15.09
CA LYS A 126 6.46 -7.33 -16.39
C LYS A 126 6.08 -6.33 -17.49
N TYR A 127 5.67 -5.12 -17.12
CA TYR A 127 5.57 -4.01 -18.07
C TYR A 127 6.93 -3.47 -18.52
N GLY A 128 7.96 -3.63 -17.69
CA GLY A 128 9.32 -3.31 -18.06
C GLY A 128 9.74 -1.97 -17.49
N LYS A 129 11.01 -1.62 -17.74
CA LYS A 129 11.67 -0.51 -17.06
C LYS A 129 11.05 0.83 -17.41
N ASP A 130 10.49 1.49 -16.40
CA ASP A 130 9.86 2.81 -16.56
C ASP A 130 8.72 2.87 -17.56
N VAL A 131 7.98 1.77 -17.71
CA VAL A 131 6.91 1.69 -18.70
C VAL A 131 5.53 2.06 -18.15
N GLY A 132 5.11 1.39 -17.09
CA GLY A 132 3.79 1.66 -16.49
C GLY A 132 2.59 1.06 -17.21
N LEU A 133 1.44 1.14 -16.55
CA LEU A 133 0.21 0.53 -17.05
C LEU A 133 -0.55 1.49 -17.95
N HIS A 134 -1.55 0.95 -18.65
CA HIS A 134 -2.46 1.77 -19.44
C HIS A 134 -3.30 2.63 -18.50
N ILE A 135 -3.62 3.85 -18.94
CA ILE A 135 -4.36 4.78 -18.10
C ILE A 135 -5.73 4.23 -17.67
N LYS A 136 -6.36 3.44 -18.54
CA LYS A 136 -7.63 2.78 -18.21
C LYS A 136 -7.52 1.77 -17.04
N ALA A 137 -6.41 1.03 -16.97
CA ALA A 137 -6.13 0.16 -15.83
C ALA A 137 -5.84 0.97 -14.56
N VAL A 138 -5.16 2.11 -14.71
CA VAL A 138 -4.90 2.98 -13.56
C VAL A 138 -6.21 3.56 -13.02
N ARG A 139 -7.09 3.98 -13.90
CA ARG A 139 -8.45 4.41 -13.52
C ARG A 139 -9.19 3.36 -12.71
N SER A 140 -9.24 2.13 -13.23
CA SER A 140 -9.95 1.03 -12.57
C SER A 140 -9.35 0.68 -11.21
N TYR A 141 -8.03 0.57 -11.16
CA TYR A 141 -7.32 0.29 -9.92
C TYR A 141 -7.47 1.42 -8.89
N SER A 142 -7.50 2.67 -9.34
CA SER A 142 -7.72 3.79 -8.43
C SER A 142 -9.08 3.69 -7.71
N GLN A 143 -10.12 3.37 -8.47
CA GLN A 143 -11.45 3.18 -7.90
C GLN A 143 -11.47 2.04 -6.86
N GLN A 144 -10.80 0.95 -7.18
CA GLN A 144 -10.78 -0.21 -6.30
C GLN A 144 -10.04 0.07 -5.00
N LEU A 145 -8.95 0.82 -5.12
CA LEU A 145 -8.14 1.24 -3.97
C LEU A 145 -8.90 2.18 -3.04
N PHE A 146 -9.57 3.17 -3.62
CA PHE A 146 -10.42 4.07 -2.84
C PHE A 146 -11.54 3.30 -2.12
N LEU A 147 -12.09 2.29 -2.78
CA LEU A 147 -13.12 1.45 -2.15
C LEU A 147 -12.53 0.69 -0.96
N ALA A 148 -11.30 0.18 -1.10
CA ALA A 148 -10.58 -0.42 0.03
C ALA A 148 -10.38 0.56 1.17
N LEU A 149 -9.97 1.78 0.84
CA LEU A 149 -9.84 2.85 1.85
CA LEU A 149 -9.83 2.84 1.85
C LEU A 149 -11.15 3.09 2.58
N LYS A 150 -12.24 3.05 1.82
CA LYS A 150 -13.57 3.28 2.40
C LYS A 150 -13.86 2.22 3.47
N LEU A 151 -13.59 0.95 3.14
CA LEU A 151 -13.84 -0.13 4.10
C LEU A 151 -12.95 -0.05 5.34
N LEU A 152 -11.66 0.19 5.14
CA LEU A 152 -10.71 0.32 6.25
C LEU A 152 -11.15 1.42 7.21
N LYS A 153 -11.52 2.58 6.70
CA LYS A 153 -11.95 3.69 7.55
C LYS A 153 -13.25 3.32 8.27
N ARG A 154 -14.18 2.68 7.58
CA ARG A 154 -15.40 2.20 8.22
C ARG A 154 -15.11 1.24 9.37
N CYS A 155 -14.04 0.44 9.26
CA CYS A 155 -13.65 -0.52 10.31
C CYS A 155 -12.61 0.01 11.31
N ASN A 156 -12.33 1.31 11.26
CA ASN A 156 -11.34 1.96 12.12
C ASN A 156 -9.97 1.30 12.01
N ILE A 157 -9.56 0.98 10.80
CA ILE A 157 -8.26 0.35 10.55
C ILE A 157 -7.38 1.30 9.72
N LEU A 158 -6.12 1.42 10.14
CA LEU A 158 -5.06 2.08 9.40
C LEU A 158 -4.17 0.99 8.82
N HIS A 159 -3.89 1.04 7.52
CA HIS A 159 -2.97 0.10 6.88
C HIS A 159 -1.53 0.49 7.21
N ALA A 160 -1.17 1.71 6.85
CA ALA A 160 0.12 2.34 7.11
C ALA A 160 1.30 1.88 6.25
N ASP A 161 1.07 0.98 5.30
CA ASP A 161 2.13 0.50 4.41
C ASP A 161 1.58 0.12 3.04
N ILE A 162 0.69 0.95 2.49
CA ILE A 162 0.16 0.72 1.15
C ILE A 162 1.26 1.02 0.13
N LYS A 163 1.44 0.10 -0.81
CA LYS A 163 2.44 0.18 -1.87
C LYS A 163 2.14 -0.96 -2.82
N PRO A 164 2.72 -0.96 -4.04
CA PRO A 164 2.43 -2.01 -5.00
C PRO A 164 2.65 -3.46 -4.49
N ASP A 165 3.65 -3.64 -3.63
CA ASP A 165 3.99 -4.95 -3.09
C ASP A 165 2.87 -5.55 -2.23
N ASN A 166 2.05 -4.68 -1.62
CA ASN A 166 0.94 -5.07 -0.74
C ASN A 166 -0.43 -5.10 -1.45
N ILE A 167 -0.46 -5.05 -2.78
CA ILE A 167 -1.69 -5.11 -3.55
C ILE A 167 -1.57 -6.32 -4.46
N LEU A 168 -2.54 -7.23 -4.39
CA LEU A 168 -2.54 -8.44 -5.22
C LEU A 168 -3.63 -8.33 -6.25
N VAL A 169 -3.45 -9.03 -7.36
CA VAL A 169 -4.46 -9.05 -8.41
C VAL A 169 -4.80 -10.47 -8.82
N ASN A 170 -6.01 -10.65 -9.34
CA ASN A 170 -6.44 -11.94 -9.89
C ASN A 170 -5.72 -12.24 -11.22
N GLU A 171 -6.03 -13.40 -11.81
CA GLU A 171 -5.30 -13.87 -13.00
C GLU A 171 -5.51 -12.98 -14.23
N SER A 172 -6.74 -12.54 -14.46
CA SER A 172 -7.01 -11.56 -15.53
C SER A 172 -6.51 -10.13 -15.24
N LYS A 173 -6.14 -9.84 -13.98
CA LYS A 173 -5.68 -8.51 -13.54
C LYS A 173 -6.78 -7.45 -13.60
N THR A 174 -8.05 -7.88 -13.55
CA THR A 174 -9.18 -6.97 -13.52
C THR A 174 -9.52 -6.55 -12.09
N ILE A 175 -9.24 -7.41 -11.12
CA ILE A 175 -9.59 -7.18 -9.72
C ILE A 175 -8.33 -7.11 -8.89
N LEU A 176 -8.23 -6.10 -8.05
CA LEU A 176 -7.17 -6.04 -7.04
C LEU A 176 -7.76 -6.21 -5.63
N LYS A 177 -6.92 -6.69 -4.72
CA LYS A 177 -7.25 -6.79 -3.31
C LYS A 177 -6.08 -6.22 -2.53
N LEU A 178 -6.41 -5.38 -1.57
CA LEU A 178 -5.42 -4.81 -0.67
CA LEU A 178 -5.43 -4.79 -0.66
C LEU A 178 -5.08 -5.86 0.40
N CYS A 179 -3.80 -5.97 0.71
N CYS A 179 -3.78 -5.99 0.66
CA CYS A 179 -3.34 -6.95 1.67
CA CYS A 179 -3.22 -6.98 1.57
C CYS A 179 -2.17 -6.34 2.40
C CYS A 179 -2.19 -6.29 2.45
N ASP A 180 -1.60 -7.07 3.36
CA ASP A 180 -0.47 -6.61 4.15
C ASP A 180 0.41 -7.79 4.55
N PHE A 181 1.73 -7.65 4.38
CA PHE A 181 2.71 -8.71 4.63
C PHE A 181 3.66 -8.42 5.80
N LEU A 196 12.18 -1.34 3.14
CA LEU A 196 13.06 -0.83 2.09
C LEU A 196 12.31 0.13 1.16
N PHE A 197 11.38 -0.44 0.39
CA PHE A 197 10.47 0.33 -0.44
C PHE A 197 9.51 1.22 0.39
N SER A 198 9.22 0.80 1.63
CA SER A 198 8.18 1.45 2.46
C SER A 198 8.35 2.96 2.64
N ARG A 199 9.60 3.41 2.73
CA ARG A 199 9.91 4.83 2.96
C ARG A 199 9.35 5.72 1.86
N PHE A 200 9.33 5.23 0.61
CA PHE A 200 8.88 6.03 -0.52
C PHE A 200 7.40 6.41 -0.48
N TYR A 201 6.60 5.64 0.26
CA TYR A 201 5.14 5.78 0.32
C TYR A 201 4.67 6.42 1.64
N ARG A 202 5.62 6.83 2.48
CA ARG A 202 5.33 7.34 3.82
C ARG A 202 4.88 8.79 3.82
N ALA A 203 3.71 9.04 4.41
CA ALA A 203 3.17 10.40 4.51
C ALA A 203 4.06 11.29 5.36
N PRO A 204 4.06 12.60 5.09
CA PRO A 204 4.97 13.47 5.84
C PRO A 204 4.62 13.61 7.32
N GLU A 205 3.34 13.49 7.68
CA GLU A 205 2.98 13.51 9.11
C GLU A 205 3.67 12.40 9.90
N ILE A 206 3.88 11.24 9.28
CA ILE A 206 4.61 10.13 9.90
C ILE A 206 6.09 10.49 10.04
N ILE A 207 6.68 11.04 8.98
CA ILE A 207 8.09 11.39 8.99
C ILE A 207 8.41 12.43 10.08
N ILE A 208 7.59 13.46 10.23
CA ILE A 208 7.83 14.49 11.26
C ILE A 208 7.38 14.09 12.67
N GLY A 209 6.61 13.01 12.78
CA GLY A 209 6.19 12.48 14.07
C GLY A 209 4.97 13.17 14.64
N LYS A 210 4.02 13.48 13.77
CA LYS A 210 2.78 14.11 14.16
C LYS A 210 1.75 13.01 14.34
N SER A 211 0.75 13.29 15.16
CA SER A 211 -0.41 12.39 15.28
C SER A 211 -1.03 12.23 13.90
N TYR A 212 -1.44 11.01 13.56
CA TYR A 212 -1.89 10.73 12.21
C TYR A 212 -3.16 9.88 12.17
N ASP A 213 -3.75 9.78 10.99
CA ASP A 213 -5.06 9.19 10.81
C ASP A 213 -5.16 8.52 9.43
N TYR A 214 -6.38 8.34 8.95
CA TYR A 214 -6.67 7.63 7.70
C TYR A 214 -6.01 8.30 6.49
N GLY A 215 -5.72 9.60 6.62
CA GLY A 215 -4.97 10.37 5.62
C GLY A 215 -3.65 9.75 5.17
N ILE A 216 -2.98 8.96 6.02
CA ILE A 216 -1.71 8.36 5.64
C ILE A 216 -1.89 7.36 4.49
N ASP A 217 -3.03 6.68 4.48
CA ASP A 217 -3.32 5.66 3.49
C ASP A 217 -3.74 6.28 2.15
N MET A 218 -4.44 7.41 2.21
CA MET A 218 -4.76 8.18 1.01
C MET A 218 -3.47 8.67 0.35
N TRP A 219 -2.57 9.23 1.14
CA TRP A 219 -1.25 9.63 0.65
C TRP A 219 -0.53 8.51 -0.10
N SER A 220 -0.41 7.35 0.53
CA SER A 220 0.28 6.18 -0.06
C SER A 220 -0.37 5.70 -1.36
N VAL A 221 -1.70 5.74 -1.39
CA VAL A 221 -2.44 5.45 -2.60
C VAL A 221 -2.07 6.44 -3.71
N GLY A 222 -1.96 7.73 -3.40
CA GLY A 222 -1.47 8.70 -4.39
C GLY A 222 -0.11 8.35 -4.97
N CYS A 223 0.85 8.09 -4.09
CA CYS A 223 2.20 7.65 -4.52
C CYS A 223 2.17 6.39 -5.42
N THR A 224 1.28 5.46 -5.08
CA THR A 224 1.13 4.22 -5.83
C THR A 224 0.55 4.50 -7.21
N LEU A 225 -0.45 5.37 -7.30
CA LEU A 225 -1.10 5.63 -8.58
C LEU A 225 -0.14 6.25 -9.60
N TYR A 226 0.68 7.19 -9.13
CA TYR A 226 1.71 7.79 -9.97
C TYR A 226 2.64 6.71 -10.51
N GLU A 227 3.07 5.81 -9.63
CA GLU A 227 3.99 4.75 -10.00
C GLU A 227 3.37 3.75 -10.97
N LEU A 228 2.12 3.41 -10.75
CA LEU A 228 1.37 2.54 -11.68
C LEU A 228 1.35 3.08 -13.11
N TYR A 229 1.14 4.39 -13.26
CA TYR A 229 1.11 5.00 -14.58
C TYR A 229 2.49 5.22 -15.21
N THR A 230 3.45 5.71 -14.44
CA THR A 230 4.77 6.04 -15.00
C THR A 230 5.77 4.89 -14.93
N GLY A 231 5.50 3.87 -14.12
CA GLY A 231 6.50 2.86 -13.79
C GLY A 231 7.62 3.34 -12.87
N LYS A 232 7.55 4.59 -12.38
CA LYS A 232 8.60 5.19 -11.56
CA LYS A 232 8.59 5.19 -11.56
C LYS A 232 8.08 5.56 -10.16
N ILE A 233 8.94 5.41 -9.17
CA ILE A 233 8.64 5.82 -7.80
C ILE A 233 8.50 7.34 -7.74
N LEU A 234 7.38 7.83 -7.20
CA LEU A 234 7.14 9.29 -7.13
C LEU A 234 8.21 10.04 -6.33
N PHE A 235 8.43 9.59 -5.09
CA PHE A 235 9.36 10.23 -4.18
C PHE A 235 10.43 9.23 -3.75
N PRO A 236 11.47 9.03 -4.59
CA PRO A 236 12.52 8.05 -4.28
C PRO A 236 13.57 8.60 -3.30
N GLY A 237 13.16 8.99 -2.10
CA GLY A 237 14.05 9.66 -1.16
C GLY A 237 14.98 8.68 -0.45
N LYS A 238 16.27 9.01 -0.39
CA LYS A 238 17.29 8.19 0.27
C LYS A 238 17.11 8.13 1.79
N THR A 239 16.63 9.22 2.38
CA THR A 239 16.41 9.34 3.81
C THR A 239 15.05 9.98 4.07
N ASN A 240 14.63 10.00 5.33
CA ASN A 240 13.44 10.73 5.74
C ASN A 240 13.55 12.22 5.43
N ASN A 241 14.71 12.83 5.71
CA ASN A 241 14.96 14.23 5.35
C ASN A 241 14.75 14.50 3.85
N HIS A 242 15.31 13.62 3.01
CA HIS A 242 15.17 13.72 1.55
C HIS A 242 13.69 13.54 1.09
N MET A 243 12.96 12.65 1.73
CA MET A 243 11.52 12.44 1.45
C MET A 243 10.74 13.74 1.65
N LEU A 244 11.04 14.44 2.75
CA LEU A 244 10.37 15.71 3.07
C LEU A 244 10.71 16.77 2.03
N LYS A 245 11.98 16.84 1.63
CA LYS A 245 12.38 17.76 0.57
C LYS A 245 11.64 17.49 -0.74
N LEU A 246 11.54 16.22 -1.13
CA LEU A 246 10.90 15.88 -2.39
C LEU A 246 9.39 16.18 -2.37
N ALA A 247 8.73 15.94 -1.24
CA ALA A 247 7.32 16.29 -1.06
C ALA A 247 7.14 17.83 -1.13
N MET A 248 8.04 18.55 -0.48
CA MET A 248 7.98 20.01 -0.47
C MET A 248 8.40 20.61 -1.81
N ASP A 249 9.20 19.89 -2.60
CA ASP A 249 9.45 20.27 -4.00
C ASP A 249 8.18 20.25 -4.84
N LEU A 250 7.17 19.45 -4.43
CA LEU A 250 5.87 19.47 -5.09
C LEU A 250 4.96 20.55 -4.55
N LYS A 251 4.84 20.63 -3.24
CA LYS A 251 3.79 21.40 -2.57
C LYS A 251 4.25 22.67 -1.85
N GLY A 252 5.55 22.92 -1.84
CA GLY A 252 6.08 24.01 -1.04
C GLY A 252 6.21 23.64 0.42
N LYS A 253 6.73 24.58 1.19
CA LYS A 253 7.03 24.33 2.59
C LYS A 253 5.81 23.85 3.37
N MET A 254 6.01 22.88 4.26
CA MET A 254 4.98 22.35 5.14
C MET A 254 4.39 23.45 6.04
N PRO A 255 3.08 23.40 6.37
CA PRO A 255 2.52 24.44 7.24
C PRO A 255 3.16 24.50 8.65
N ASN A 256 3.29 25.71 9.18
CA ASN A 256 3.86 25.94 10.53
C ASN A 256 3.22 25.08 11.61
N LYS A 257 1.88 25.05 11.66
CA LYS A 257 1.17 24.32 12.71
C LYS A 257 1.47 22.81 12.66
N MET A 258 1.69 22.31 11.45
CA MET A 258 2.01 20.91 11.26
C MET A 258 3.42 20.61 11.78
N ILE A 259 4.39 21.45 11.39
CA ILE A 259 5.78 21.31 11.83
C ILE A 259 5.86 21.25 13.37
N ARG A 260 5.22 22.22 14.03
CA ARG A 260 5.25 22.34 15.50
C ARG A 260 4.74 21.11 16.26
N LYS A 261 3.79 20.39 15.68
CA LYS A 261 3.22 19.20 16.31
C LYS A 261 4.04 17.90 16.12
N GLY A 262 5.10 17.95 15.31
CA GLY A 262 5.90 16.76 15.06
C GLY A 262 6.96 16.52 16.12
N VAL A 263 6.96 15.33 16.72
CA VAL A 263 8.00 14.97 17.71
C VAL A 263 9.40 14.81 17.12
N PHE A 264 9.52 14.64 15.81
CA PHE A 264 10.82 14.60 15.12
C PHE A 264 11.16 15.87 14.36
N LYS A 265 10.47 16.97 14.66
CA LYS A 265 10.74 18.23 13.97
C LYS A 265 12.20 18.73 14.05
N ASP A 266 12.90 18.42 15.15
CA ASP A 266 14.28 18.88 15.33
C ASP A 266 15.31 18.19 14.42
N GLN A 267 14.98 17.02 13.90
CA GLN A 267 15.81 16.39 12.86
C GLN A 267 15.75 17.14 11.53
N HIS A 268 14.67 17.89 11.28
CA HIS A 268 14.39 18.46 9.97
C HIS A 268 14.14 19.97 9.89
N PHE A 269 13.74 20.60 11.00
CA PHE A 269 13.45 22.05 11.04
C PHE A 269 14.12 22.74 12.24
N ASP A 270 14.59 23.97 12.05
CA ASP A 270 15.24 24.73 13.12
C ASP A 270 14.21 25.44 14.00
N GLN A 271 14.67 26.23 14.97
CA GLN A 271 13.79 26.92 15.93
C GLN A 271 12.81 27.90 15.27
N ASN A 272 13.23 28.49 14.14
CA ASN A 272 12.38 29.39 13.34
C ASN A 272 11.49 28.67 12.31
N LEU A 273 11.42 27.34 12.39
CA LEU A 273 10.68 26.49 11.47
C LEU A 273 11.21 26.52 10.03
N ASN A 274 12.49 26.88 9.86
CA ASN A 274 13.15 26.76 8.57
C ASN A 274 13.50 25.28 8.34
N PHE A 275 13.34 24.79 7.11
CA PHE A 275 13.70 23.40 6.80
C PHE A 275 15.20 23.29 6.69
N MET A 276 15.76 22.25 7.30
CA MET A 276 17.20 21.94 7.25
C MET A 276 17.45 20.81 6.25
N TYR A 277 17.81 21.18 5.04
CA TYR A 277 18.03 20.22 3.98
C TYR A 277 19.47 19.66 4.07
N ILE A 278 19.56 18.37 4.38
CA ILE A 278 20.84 17.65 4.47
C ILE A 278 21.25 17.16 3.08
N GLU A 279 22.48 17.45 2.66
CA GLU A 279 23.01 16.97 1.37
C GLU A 279 24.55 16.99 1.32
N GLU A 287 29.04 16.07 4.53
CA GLU A 287 27.67 16.44 4.87
C GLU A 287 27.52 17.95 5.02
N LYS A 288 26.44 18.47 4.46
CA LYS A 288 26.12 19.91 4.47
C LYS A 288 24.65 20.08 4.86
N VAL A 289 24.34 21.23 5.47
CA VAL A 289 22.99 21.58 5.88
C VAL A 289 22.64 22.92 5.26
N THR A 290 21.63 22.92 4.40
CA THR A 290 21.13 24.15 3.78
C THR A 290 19.82 24.55 4.45
N VAL A 291 19.79 25.78 4.97
CA VAL A 291 18.66 26.31 5.72
C VAL A 291 17.74 26.99 4.71
N MET A 292 16.46 26.58 4.71
CA MET A 292 15.48 27.02 3.72
C MET A 292 14.23 27.54 4.43
N SER A 293 13.99 28.84 4.32
CA SER A 293 12.77 29.46 4.88
C SER A 293 11.58 29.24 3.95
N THR A 294 11.88 29.04 2.67
CA THR A 294 10.88 28.78 1.65
C THR A 294 11.39 27.62 0.79
N ILE A 295 10.49 26.77 0.29
CA ILE A 295 10.85 25.78 -0.73
C ILE A 295 9.92 26.07 -1.89
N ASN A 296 10.48 26.60 -2.96
CA ASN A 296 9.74 26.91 -4.17
C ASN A 296 9.33 25.60 -4.85
N PRO A 297 8.01 25.41 -5.09
CA PRO A 297 7.58 24.22 -5.84
C PRO A 297 8.22 24.17 -7.24
N THR A 298 8.93 23.08 -7.52
CA THR A 298 9.55 22.83 -8.81
C THR A 298 9.14 21.52 -9.50
N LYS A 299 8.52 20.58 -8.78
CA LYS A 299 8.21 19.29 -9.40
C LYS A 299 7.04 19.44 -10.37
N ASP A 300 7.28 19.13 -11.63
CA ASP A 300 6.30 19.26 -12.70
C ASP A 300 5.65 17.90 -12.89
N LEU A 301 4.53 17.73 -12.20
CA LEU A 301 3.87 16.43 -12.16
C LEU A 301 3.28 16.05 -13.53
N LEU A 302 2.72 17.02 -14.25
CA LEU A 302 2.15 16.75 -15.57
C LEU A 302 3.22 16.31 -16.56
N ALA A 303 4.34 17.04 -16.61
CA ALA A 303 5.46 16.68 -17.49
C ALA A 303 5.92 15.26 -17.18
N ASP A 304 6.08 14.97 -15.90
CA ASP A 304 6.54 13.65 -15.48
C ASP A 304 5.53 12.56 -15.85
N LEU A 305 4.23 12.85 -15.68
CA LEU A 305 3.17 11.92 -16.11
C LEU A 305 3.20 11.65 -17.61
N ILE A 306 3.21 12.71 -18.41
CA ILE A 306 3.20 12.59 -19.88
C ILE A 306 4.43 11.86 -20.41
N GLY A 307 5.62 12.18 -19.87
CA GLY A 307 6.87 11.58 -20.32
C GLY A 307 7.19 11.97 -21.76
N CYS A 308 7.76 11.06 -22.54
CA CYS A 308 8.05 11.29 -23.96
C CYS A 308 6.91 10.85 -24.89
N GLN A 309 5.68 10.83 -24.37
CA GLN A 309 4.53 10.29 -25.10
C GLN A 309 3.91 11.38 -25.98
N ARG A 310 3.51 10.97 -27.18
CA ARG A 310 2.65 11.78 -28.05
C ARG A 310 1.25 11.17 -27.90
N LEU A 311 0.44 11.75 -27.02
CA LEU A 311 -0.85 11.18 -26.64
C LEU A 311 -2.00 11.68 -27.51
N PRO A 312 -2.99 10.82 -27.80
CA PRO A 312 -4.26 11.31 -28.37
C PRO A 312 -5.09 12.05 -27.31
N GLU A 313 -5.84 13.06 -27.74
CA GLU A 313 -6.57 13.97 -26.84
C GLU A 313 -7.44 13.30 -25.76
N ASP A 314 -8.00 12.12 -26.04
CA ASP A 314 -8.80 11.39 -25.04
C ASP A 314 -7.93 10.86 -23.87
N GLN A 315 -6.78 10.27 -24.19
CA GLN A 315 -5.83 9.81 -23.17
C GLN A 315 -5.13 10.98 -22.49
N ARG A 316 -4.86 12.04 -23.25
CA ARG A 316 -4.23 13.25 -22.75
C ARG A 316 -5.10 13.94 -21.69
N LYS A 317 -6.42 13.95 -21.93
CA LYS A 317 -7.41 14.47 -21.00
C LYS A 317 -7.41 13.67 -19.68
N LYS A 318 -7.38 12.34 -19.80
CA LYS A 318 -7.33 11.45 -18.64
C LYS A 318 -6.07 11.64 -17.81
N VAL A 319 -4.94 11.92 -18.46
CA VAL A 319 -3.67 12.17 -17.76
C VAL A 319 -3.73 13.48 -16.95
N HIS A 320 -4.32 14.53 -17.55
CA HIS A 320 -4.56 15.78 -16.83
C HIS A 320 -5.43 15.56 -15.60
N GLN A 321 -6.46 14.75 -15.75
CA GLN A 321 -7.35 14.41 -14.64
C GLN A 321 -6.60 13.61 -13.56
N LEU A 322 -5.72 12.68 -13.98
CA LEU A 322 -4.88 11.95 -13.02
C LEU A 322 -3.99 12.92 -12.22
N LYS A 323 -3.31 13.82 -12.94
CA LYS A 323 -2.49 14.89 -12.32
C LYS A 323 -3.28 15.69 -11.29
N ASP A 324 -4.51 16.07 -11.64
CA ASP A 324 -5.36 16.81 -10.71
C ASP A 324 -5.73 15.96 -9.49
N LEU A 325 -6.04 14.69 -9.70
CA LEU A 325 -6.34 13.80 -8.57
C LEU A 325 -5.14 13.71 -7.61
N LEU A 326 -3.96 13.57 -8.17
CA LEU A 326 -2.74 13.51 -7.39
C LEU A 326 -2.47 14.81 -6.62
N ASP A 327 -2.67 15.97 -7.26
CA ASP A 327 -2.58 17.26 -6.58
C ASP A 327 -3.48 17.31 -5.34
N GLN A 328 -4.71 16.79 -5.46
CA GLN A 328 -5.65 16.80 -4.35
C GLN A 328 -5.35 15.75 -3.25
N ILE A 329 -4.75 14.64 -3.65
CA ILE A 329 -4.29 13.62 -2.69
C ILE A 329 -3.05 14.06 -1.90
N LEU A 330 -2.07 14.64 -2.60
CA LEU A 330 -0.73 14.85 -2.05
C LEU A 330 -0.54 16.18 -1.32
N MET A 331 -1.61 16.70 -0.70
CA MET A 331 -1.51 17.86 0.17
C MET A 331 -0.69 17.47 1.40
N LEU A 332 0.20 18.36 1.82
CA LEU A 332 1.07 18.06 2.96
C LEU A 332 0.28 18.00 4.27
N ASP A 333 -0.70 18.87 4.43
CA ASP A 333 -1.60 18.79 5.57
C ASP A 333 -2.65 17.70 5.33
N PRO A 334 -2.66 16.63 6.15
CA PRO A 334 -3.65 15.57 5.91
C PRO A 334 -5.12 16.02 5.96
N ALA A 335 -5.43 17.01 6.80
CA ALA A 335 -6.76 17.60 6.87
C ALA A 335 -7.22 18.24 5.55
N LYS A 336 -6.28 18.61 4.69
CA LYS A 336 -6.61 19.24 3.41
C LYS A 336 -6.57 18.29 2.22
N ARG A 337 -6.30 17.01 2.46
CA ARG A 337 -6.36 16.01 1.39
C ARG A 337 -7.82 15.71 1.01
N ILE A 338 -7.97 15.29 -0.24
CA ILE A 338 -9.26 14.82 -0.77
C ILE A 338 -9.84 13.70 0.11
N SER A 339 -11.14 13.77 0.37
CA SER A 339 -11.85 12.68 1.06
C SER A 339 -11.96 11.48 0.15
N ILE A 340 -12.24 10.33 0.77
CA ILE A 340 -12.44 9.09 0.03
C ILE A 340 -13.60 9.19 -0.98
N ASN A 341 -14.73 9.75 -0.55
CA ASN A 341 -15.89 9.93 -1.46
C ASN A 341 -15.59 10.90 -2.59
N GLN A 342 -14.87 11.98 -2.31
CA GLN A 342 -14.52 12.94 -3.38
C GLN A 342 -13.55 12.31 -4.38
N ALA A 343 -12.67 11.43 -3.88
CA ALA A 343 -11.81 10.66 -4.76
C ALA A 343 -12.60 9.71 -5.65
N LEU A 344 -13.55 8.99 -5.08
CA LEU A 344 -14.41 8.09 -5.87
C LEU A 344 -15.21 8.81 -6.96
N GLN A 345 -15.56 10.08 -6.73
CA GLN A 345 -16.33 10.86 -7.70
C GLN A 345 -15.46 11.80 -8.55
N HIS A 346 -14.13 11.68 -8.46
CA HIS A 346 -13.24 12.54 -9.22
C HIS A 346 -13.37 12.26 -10.71
N ALA A 347 -13.15 13.31 -11.52
CA ALA A 347 -13.24 13.21 -12.98
C ALA A 347 -12.41 12.08 -13.57
N PHE A 348 -11.23 11.84 -13.01
CA PHE A 348 -10.38 10.73 -13.46
C PHE A 348 -11.14 9.42 -13.53
N ILE A 349 -11.93 9.14 -12.50
CA ILE A 349 -12.79 7.96 -12.42
C ILE A 349 -14.10 8.14 -13.19
N GLN A 350 -14.75 9.28 -13.02
CA GLN A 350 -16.14 9.47 -13.47
C GLN A 350 -16.36 9.93 -14.92
N GLU A 351 -15.43 10.70 -15.49
CA GLU A 351 -15.64 11.36 -16.80
C GLU A 351 -15.14 10.52 -17.97
#